data_1RD9
#
_entry.id   1RD9
#
_cell.length_a   101.983
_cell.length_b   66.072
_cell.length_c   77.818
_cell.angle_alpha   90.00
_cell.angle_beta   105.84
_cell.angle_gamma   90.00
#
_symmetry.space_group_name_H-M   'C 1 2 1'
#
loop_
_entity.id
_entity.type
_entity.pdbx_description
1 polymer 'cholera toxin B protein (CTB)'
2 non-polymer 1,3-BIS-([3-(4-{3-[3-NITRO-5-(GALACTOPYRANOSYLOXY)-BENZOYLAMINO]-PROPYL}-PIPERAZIN-1-YL)-PROPYL-AMINO]-CARBONYLOXY)-2-AMINO-PROPANE
3 non-polymer 2-AMINO-2-HYDROXYMETHYL-PROPANE-1,3-DIOL
4 non-polymer 'HEXAETHYLENE GLYCOL'
5 water water
#
_entity_poly.entity_id   1
_entity_poly.type   'polypeptide(L)'
_entity_poly.pdbx_seq_one_letter_code
;TPQNITDLCAEYHNTQIHTLNDKIFSYTESLAGKREMAIITFKNGATFQVEVPGSQHIDSQKKAIERMKDTLRIAYLTEA
KVEKLCVWNNKTPHAIAAISMAN
;
_entity_poly.pdbx_strand_id   D,E,F,G,H
#
# COMPACT_ATOMS: atom_id res chain seq x y z
N THR A 1 28.49 0.67 -4.84
CA THR A 1 27.23 -0.13 -4.98
C THR A 1 26.99 -0.56 -6.42
N PRO A 2 26.44 -1.75 -6.65
CA PRO A 2 26.15 -2.20 -8.01
C PRO A 2 25.25 -1.24 -8.75
N GLN A 3 25.40 -1.16 -10.06
CA GLN A 3 24.61 -0.25 -10.86
C GLN A 3 23.46 -0.95 -11.58
N ASN A 4 23.41 -2.29 -11.50
CA ASN A 4 22.37 -3.04 -12.20
C ASN A 4 22.21 -4.43 -11.54
N ILE A 5 21.15 -5.12 -11.90
CA ILE A 5 20.82 -6.41 -11.32
C ILE A 5 21.90 -7.47 -11.58
N THR A 6 22.54 -7.43 -12.75
CA THR A 6 23.54 -8.42 -13.10
C THR A 6 24.77 -8.32 -12.24
N ASP A 7 25.19 -7.09 -12.00
CA ASP A 7 26.37 -6.86 -11.16
C ASP A 7 26.06 -7.20 -9.69
N LEU A 8 24.84 -6.88 -9.26
CA LEU A 8 24.39 -7.20 -7.91
C LEU A 8 24.35 -8.72 -7.72
N CYS A 9 23.76 -9.41 -8.70
CA CYS A 9 23.60 -10.86 -8.59
C CYS A 9 24.98 -11.54 -8.47
N ALA A 10 25.97 -10.98 -9.15
CA ALA A 10 27.32 -11.53 -9.19
C ALA A 10 28.06 -11.45 -7.85
N GLU A 11 27.54 -10.66 -6.91
CA GLU A 11 28.16 -10.54 -5.59
C GLU A 11 27.86 -11.74 -4.69
N TYR A 12 26.93 -12.61 -5.09
CA TYR A 12 26.46 -13.69 -4.22
C TYR A 12 26.83 -15.07 -4.76
N HIS A 13 26.99 -16.02 -3.85
CA HIS A 13 27.23 -17.42 -4.19
C HIS A 13 25.91 -18.06 -4.57
N ASN A 14 25.97 -19.08 -5.43
CA ASN A 14 24.81 -19.86 -5.83
C ASN A 14 23.68 -19.04 -6.47
N THR A 15 24.02 -18.01 -7.25
CA THR A 15 22.99 -17.23 -7.95
C THR A 15 23.19 -17.28 -9.44
N GLN A 16 22.12 -16.97 -10.16
CA GLN A 16 22.17 -16.74 -11.59
C GLN A 16 21.09 -15.77 -12.01
N ILE A 17 21.29 -15.16 -13.17
CA ILE A 17 20.29 -14.34 -13.84
C ILE A 17 19.45 -15.17 -14.79
N HIS A 18 18.13 -14.96 -14.73
CA HIS A 18 17.19 -15.44 -15.73
C HIS A 18 16.66 -14.18 -16.42
N THR A 19 16.68 -14.18 -17.74
CA THR A 19 16.09 -13.09 -18.53
C THR A 19 14.73 -13.54 -19.05
N LEU A 20 13.70 -12.81 -18.63
CA LEU A 20 12.31 -13.14 -18.98
C LEU A 20 11.80 -12.25 -20.10
N ASN A 21 11.98 -10.94 -19.94
CA ASN A 21 11.40 -9.95 -20.82
C ASN A 21 9.93 -10.25 -21.15
N ASP A 22 9.15 -10.51 -20.10
CA ASP A 22 7.76 -10.91 -20.25
C ASP A 22 7.01 -10.57 -18.96
N LYS A 23 5.68 -10.39 -19.05
CA LYS A 23 4.85 -10.20 -17.88
C LYS A 23 4.75 -11.53 -17.12
N ILE A 24 4.36 -11.44 -15.86
CA ILE A 24 4.13 -12.61 -15.04
C ILE A 24 2.86 -13.31 -15.51
N PHE A 25 2.93 -14.64 -15.66
CA PHE A 25 1.79 -15.44 -16.10
C PHE A 25 0.83 -15.75 -14.96
N SER A 26 1.37 -16.09 -13.80
CA SER A 26 0.54 -16.36 -12.64
C SER A 26 1.23 -15.94 -11.36
N TYR A 27 0.41 -15.52 -10.39
CA TYR A 27 0.84 -15.07 -9.09
C TYR A 27 0.08 -15.86 -8.04
N THR A 28 0.83 -16.49 -7.12
CA THR A 28 0.27 -17.26 -6.02
C THR A 28 0.86 -16.81 -4.72
N GLU A 29 0.01 -16.71 -3.69
CA GLU A 29 0.50 -16.44 -2.34
C GLU A 29 -0.27 -17.26 -1.32
N SER A 30 0.41 -17.56 -0.22
CA SER A 30 -0.10 -18.46 0.78
C SER A 30 0.11 -17.86 2.17
N LEU A 31 -0.88 -18.07 3.02
CA LEU A 31 -0.77 -17.73 4.45
C LEU A 31 -0.74 -18.97 5.32
N ALA A 32 -0.62 -20.13 4.69
CA ALA A 32 -0.53 -21.38 5.45
C ALA A 32 0.76 -21.44 6.27
N GLY A 33 0.68 -22.00 7.47
CA GLY A 33 1.78 -21.97 8.40
C GLY A 33 3.00 -22.72 7.86
N LYS A 34 4.14 -22.05 7.91
CA LYS A 34 5.43 -22.53 7.41
C LYS A 34 5.50 -22.48 5.88
N ARG A 35 4.44 -21.96 5.24
CA ARG A 35 4.48 -21.78 3.78
C ARG A 35 3.98 -20.38 3.43
N GLU A 36 4.39 -19.42 4.24
CA GLU A 36 4.04 -18.04 3.99
C GLU A 36 4.99 -17.47 2.91
N MET A 37 4.58 -17.63 1.68
CA MET A 37 5.46 -17.49 0.53
C MET A 37 4.66 -17.03 -0.67
N ALA A 38 5.37 -16.66 -1.75
CA ALA A 38 4.76 -16.37 -3.03
C ALA A 38 5.45 -17.20 -4.10
N ILE A 39 4.70 -17.55 -5.12
CA ILE A 39 5.19 -18.28 -6.26
C ILE A 39 4.73 -17.56 -7.49
N ILE A 40 5.66 -17.33 -8.42
CA ILE A 40 5.27 -16.78 -9.72
C ILE A 40 5.70 -17.72 -10.84
N THR A 41 4.98 -17.62 -11.96
CA THR A 41 5.39 -18.30 -13.18
C THR A 41 5.29 -17.41 -14.36
N PHE A 42 5.99 -17.84 -15.40
CA PHE A 42 5.96 -17.20 -16.71
C PHE A 42 5.43 -18.20 -17.76
N LYS A 43 4.97 -17.68 -18.90
CA LYS A 43 4.34 -18.52 -19.93
C LYS A 43 5.31 -19.56 -20.49
N ASN A 44 6.61 -19.34 -20.35
CA ASN A 44 7.60 -20.33 -20.77
C ASN A 44 7.76 -21.52 -19.81
N GLY A 45 7.06 -21.46 -18.70
CA GLY A 45 7.02 -22.56 -17.72
C GLY A 45 7.89 -22.33 -16.49
N ALA A 46 8.67 -21.27 -16.53
CA ALA A 46 9.58 -20.96 -15.45
C ALA A 46 8.79 -20.62 -14.19
N THR A 47 9.22 -21.21 -13.08
CA THR A 47 8.60 -21.02 -11.78
C THR A 47 9.65 -20.51 -10.80
N PHE A 48 9.26 -19.51 -9.99
CA PHE A 48 10.14 -18.91 -9.00
C PHE A 48 9.38 -18.67 -7.69
N GLN A 49 10.10 -18.70 -6.58
CA GLN A 49 9.49 -18.41 -5.28
C GLN A 49 10.12 -17.21 -4.61
N VAL A 50 9.35 -16.57 -3.74
CA VAL A 50 9.92 -15.74 -2.68
C VAL A 50 9.85 -16.67 -1.47
N GLU A 51 11.00 -17.00 -0.91
CA GLU A 51 11.10 -17.95 0.20
C GLU A 51 10.35 -17.49 1.44
N VAL A 52 9.85 -18.47 2.19
CA VAL A 52 9.43 -18.24 3.55
C VAL A 52 10.60 -17.63 4.32
N PRO A 53 10.33 -16.57 5.10
CA PRO A 53 11.41 -16.00 5.92
C PRO A 53 11.98 -17.06 6.88
N GLY A 54 13.29 -17.16 6.96
CA GLY A 54 13.90 -18.17 7.80
C GLY A 54 15.24 -17.73 8.32
N SER A 55 15.97 -18.65 8.96
CA SER A 55 17.22 -18.27 9.58
C SER A 55 18.35 -18.01 8.58
N GLN A 56 18.10 -18.31 7.31
CA GLN A 56 19.01 -17.97 6.24
C GLN A 56 18.97 -16.48 5.93
N HIS A 57 17.99 -15.77 6.49
CA HIS A 57 17.80 -14.37 6.22
C HIS A 57 18.20 -13.51 7.40
N ILE A 58 18.94 -12.43 7.15
CA ILE A 58 19.28 -11.51 8.23
C ILE A 58 18.15 -10.52 8.47
N ASP A 59 18.20 -9.82 9.60
CA ASP A 59 17.07 -8.97 9.96
C ASP A 59 16.68 -8.01 8.83
N SER A 60 17.67 -7.42 8.20
CA SER A 60 17.41 -6.40 7.20
C SER A 60 16.75 -6.97 5.96
N GLN A 61 16.87 -8.27 5.74
CA GLN A 61 16.17 -8.87 4.61
C GLN A 61 14.69 -9.09 4.84
N LYS A 62 14.27 -9.17 6.10
CA LYS A 62 12.85 -9.43 6.38
C LYS A 62 11.88 -8.39 5.77
N LYS A 63 12.16 -7.08 5.90
CA LYS A 63 11.33 -6.06 5.32
C LYS A 63 11.41 -6.17 3.79
N ALA A 64 12.58 -6.50 3.27
CA ALA A 64 12.77 -6.55 1.81
C ALA A 64 12.01 -7.72 1.20
N ILE A 65 11.88 -8.81 1.92
CA ILE A 65 11.07 -9.95 1.50
C ILE A 65 9.62 -9.54 1.36
N GLU A 66 9.11 -8.80 2.36
CA GLU A 66 7.74 -8.34 2.30
C GLU A 66 7.54 -7.41 1.09
N ARG A 67 8.52 -6.54 0.86
CA ARG A 67 8.44 -5.61 -0.25
C ARG A 67 8.41 -6.35 -1.58
N MET A 68 9.21 -7.39 -1.69
CA MET A 68 9.32 -8.16 -2.91
C MET A 68 7.96 -8.80 -3.23
N LYS A 69 7.27 -9.37 -2.24
CA LYS A 69 5.96 -9.93 -2.52
C LYS A 69 5.01 -8.81 -2.95
N ASP A 70 5.08 -7.64 -2.32
CA ASP A 70 4.29 -6.50 -2.79
C ASP A 70 4.58 -6.20 -4.25
N THR A 71 5.86 -6.18 -4.60
CA THR A 71 6.29 -5.84 -5.96
C THR A 71 5.77 -6.83 -6.98
N LEU A 72 5.86 -8.12 -6.68
CA LEU A 72 5.44 -9.12 -7.62
C LEU A 72 3.92 -9.08 -7.84
N ARG A 73 3.17 -8.83 -6.75
CA ARG A 73 1.73 -8.73 -6.88
C ARG A 73 1.33 -7.59 -7.79
N ILE A 74 1.90 -6.41 -7.56
CA ILE A 74 1.50 -5.28 -8.37
C ILE A 74 2.05 -5.39 -9.79
N ALA A 75 3.25 -5.97 -9.96
CA ALA A 75 3.74 -6.22 -11.30
C ALA A 75 2.77 -7.13 -12.03
N TYR A 76 2.35 -8.18 -11.38
CA TYR A 76 1.41 -9.12 -12.00
C TYR A 76 0.12 -8.41 -12.44
N LEU A 77 -0.47 -7.64 -11.52
CA LEU A 77 -1.78 -7.02 -11.78
C LEU A 77 -1.70 -5.95 -12.86
N THR A 78 -0.54 -5.29 -12.97
CA THR A 78 -0.36 -4.27 -13.98
C THR A 78 0.20 -4.82 -15.31
N GLU A 79 0.52 -6.11 -15.35
CA GLU A 79 1.09 -6.75 -16.54
C GLU A 79 2.43 -6.09 -16.93
N ALA A 80 3.16 -5.65 -15.91
CA ALA A 80 4.48 -5.08 -16.13
C ALA A 80 5.47 -6.13 -16.62
N LYS A 81 6.21 -5.78 -17.67
CA LYS A 81 7.31 -6.64 -18.13
C LYS A 81 8.41 -6.77 -17.07
N VAL A 82 8.70 -8.02 -16.72
CA VAL A 82 9.87 -8.36 -15.94
C VAL A 82 11.03 -8.56 -16.91
N GLU A 83 12.10 -7.79 -16.70
CA GLU A 83 13.32 -7.94 -17.50
C GLU A 83 14.07 -9.16 -17.05
N LYS A 84 14.65 -9.09 -15.85
CA LYS A 84 15.46 -10.17 -15.29
C LYS A 84 15.11 -10.46 -13.85
N LEU A 85 15.42 -11.68 -13.44
CA LEU A 85 15.42 -12.10 -12.05
C LEU A 85 16.81 -12.59 -11.68
N CYS A 86 17.32 -12.13 -10.53
CA CYS A 86 18.45 -12.74 -9.89
C CYS A 86 17.90 -13.75 -8.89
N VAL A 87 18.34 -15.00 -8.99
CA VAL A 87 17.84 -16.04 -8.12
C VAL A 87 18.93 -16.88 -7.51
N TRP A 88 18.62 -17.45 -6.35
CA TRP A 88 19.45 -18.51 -5.82
C TRP A 88 19.01 -19.84 -6.44
N ASN A 89 20.00 -20.57 -6.94
CA ASN A 89 19.75 -21.81 -7.65
C ASN A 89 20.00 -23.04 -6.77
N ASN A 90 20.18 -22.84 -5.46
CA ASN A 90 20.30 -23.94 -4.50
C ASN A 90 18.99 -24.16 -3.76
N LYS A 91 17.92 -23.66 -4.38
CA LYS A 91 16.55 -23.91 -3.92
C LYS A 91 15.66 -24.25 -5.12
N THR A 92 14.59 -24.99 -4.88
CA THR A 92 13.61 -25.31 -5.88
C THR A 92 12.22 -25.01 -5.33
N PRO A 93 11.39 -24.21 -6.02
CA PRO A 93 11.79 -23.41 -7.19
C PRO A 93 12.94 -22.46 -6.88
N HIS A 94 13.64 -21.95 -7.90
CA HIS A 94 14.72 -21.00 -7.61
C HIS A 94 14.14 -19.80 -6.86
N ALA A 95 14.92 -19.26 -5.94
CA ALA A 95 14.41 -18.27 -5.01
C ALA A 95 14.87 -16.88 -5.43
N ILE A 96 13.91 -15.97 -5.51
CA ILE A 96 14.19 -14.61 -5.99
C ILE A 96 15.03 -13.85 -4.98
N ALA A 97 16.13 -13.26 -5.49
CA ALA A 97 16.98 -12.34 -4.72
C ALA A 97 16.74 -10.90 -5.20
N ALA A 98 16.45 -10.71 -6.49
CA ALA A 98 16.24 -9.38 -7.04
C ALA A 98 15.43 -9.45 -8.31
N ILE A 99 14.83 -8.33 -8.65
CA ILE A 99 14.02 -8.19 -9.85
C ILE A 99 14.34 -6.90 -10.55
N SER A 100 14.36 -6.93 -11.90
CA SER A 100 14.39 -5.70 -12.71
C SER A 100 13.19 -5.68 -13.65
N MET A 101 12.60 -4.50 -13.81
CA MET A 101 11.44 -4.29 -14.67
C MET A 101 11.87 -3.22 -15.65
N ALA A 102 11.64 -3.48 -16.94
CA ALA A 102 11.94 -2.54 -18.00
C ALA A 102 11.11 -2.98 -19.20
N ASN A 103 10.75 -1.98 -20.03
CA ASN A 103 9.87 -2.08 -21.23
C ASN A 103 8.44 -2.48 -20.87
N THR B 1 11.56 26.49 6.45
CA THR B 1 11.02 25.23 5.78
C THR B 1 10.86 25.29 4.28
N PRO B 2 11.54 24.41 3.55
CA PRO B 2 11.68 24.62 2.10
C PRO B 2 10.40 24.46 1.34
N GLN B 3 10.28 25.24 0.27
CA GLN B 3 9.09 25.28 -0.55
C GLN B 3 9.20 24.41 -1.78
N ASN B 4 10.41 23.93 -2.09
CA ASN B 4 10.63 23.11 -3.25
C ASN B 4 11.87 22.25 -3.07
N ILE B 5 12.05 21.29 -3.97
CA ILE B 5 13.14 20.32 -3.89
C ILE B 5 14.51 20.97 -4.00
N THR B 6 14.63 22.03 -4.79
CA THR B 6 15.91 22.65 -5.01
C THR B 6 16.41 23.34 -3.74
N ASP B 7 15.53 24.06 -3.09
CA ASP B 7 15.84 24.72 -1.83
C ASP B 7 16.14 23.68 -0.73
N LEU B 8 15.39 22.59 -0.72
CA LEU B 8 15.63 21.54 0.23
C LEU B 8 17.02 20.95 0.04
N CYS B 9 17.34 20.64 -1.21
CA CYS B 9 18.57 19.97 -1.56
C CYS B 9 19.75 20.84 -1.13
N ALA B 10 19.61 22.15 -1.27
CA ALA B 10 20.66 23.10 -0.95
C ALA B 10 20.98 23.20 0.56
N GLU B 11 20.15 22.57 1.38
CA GLU B 11 20.36 22.57 2.83
C GLU B 11 21.40 21.55 3.25
N TYR B 12 21.83 20.70 2.31
CA TYR B 12 22.73 19.60 2.61
C TYR B 12 24.04 19.69 1.85
N HIS B 13 25.10 19.15 2.43
CA HIS B 13 26.35 19.01 1.74
C HIS B 13 26.33 17.77 0.85
N ASN B 14 27.24 17.75 -0.13
CA ASN B 14 27.40 16.63 -1.05
C ASN B 14 26.13 16.25 -1.79
N THR B 15 25.32 17.26 -2.14
CA THR B 15 24.12 17.01 -2.93
C THR B 15 24.09 17.81 -4.21
N GLN B 16 23.27 17.32 -5.13
CA GLN B 16 22.98 18.07 -6.35
C GLN B 16 21.62 17.69 -6.85
N ILE B 17 21.06 18.58 -7.67
CA ILE B 17 19.84 18.33 -8.41
C ILE B 17 20.19 17.78 -9.79
N HIS B 18 19.54 16.67 -10.13
CA HIS B 18 19.46 16.18 -11.49
C HIS B 18 18.05 16.50 -12.01
N THR B 19 17.96 17.12 -13.18
CA THR B 19 16.68 17.32 -13.81
C THR B 19 16.46 16.28 -14.89
N LEU B 20 15.38 15.53 -14.76
CA LEU B 20 15.08 14.42 -15.67
C LEU B 20 13.96 14.74 -16.64
N ASN B 21 12.87 15.28 -16.10
CA ASN B 21 11.64 15.52 -16.86
C ASN B 21 11.30 14.35 -17.79
N ASP B 22 11.28 13.16 -17.17
CA ASP B 22 11.08 11.92 -17.91
C ASP B 22 10.62 10.84 -16.93
N LYS B 23 9.93 9.86 -17.46
CA LYS B 23 9.58 8.69 -16.69
C LYS B 23 10.77 7.81 -16.48
N ILE B 24 10.64 6.94 -15.50
CA ILE B 24 11.68 5.99 -15.18
C ILE B 24 11.72 4.87 -16.24
N PHE B 25 12.93 4.53 -16.68
CA PHE B 25 13.14 3.53 -17.73
C PHE B 25 13.19 2.10 -17.17
N SER B 26 13.81 1.92 -16.00
CA SER B 26 13.84 0.61 -15.37
C SER B 26 13.85 0.78 -13.88
N TYR B 27 13.28 -0.21 -13.23
CA TYR B 27 13.18 -0.29 -11.76
C TYR B 27 13.69 -1.65 -11.31
N THR B 28 14.65 -1.62 -10.40
CA THR B 28 15.26 -2.83 -9.86
C THR B 28 15.23 -2.80 -8.36
N GLU B 29 14.93 -3.96 -7.79
CA GLU B 29 14.82 -4.08 -6.35
C GLU B 29 15.41 -5.38 -5.89
N SER B 30 16.09 -5.35 -4.74
CA SER B 30 16.82 -6.48 -4.19
C SER B 30 16.51 -6.76 -2.74
N LEU B 31 16.38 -8.03 -2.41
CA LEU B 31 16.24 -8.49 -1.02
C LEU B 31 17.49 -9.22 -0.55
N ALA B 32 18.50 -9.28 -1.41
CA ALA B 32 19.77 -9.91 -1.04
C ALA B 32 20.44 -9.23 0.16
N GLY B 33 21.01 -10.03 1.07
CA GLY B 33 21.56 -9.51 2.31
C GLY B 33 22.67 -8.50 2.07
N LYS B 34 22.55 -7.36 2.75
CA LYS B 34 23.43 -6.20 2.62
C LYS B 34 23.30 -5.41 1.30
N ARG B 35 22.35 -5.81 0.43
CA ARG B 35 22.00 -5.05 -0.76
C ARG B 35 20.48 -4.92 -0.88
N GLU B 36 19.85 -4.60 0.25
CA GLU B 36 18.41 -4.36 0.30
C GLU B 36 18.18 -2.93 -0.16
N MET B 37 18.13 -2.77 -1.47
CA MET B 37 18.17 -1.46 -2.13
C MET B 37 17.29 -1.48 -3.36
N ALA B 38 17.13 -0.29 -3.93
CA ALA B 38 16.45 -0.11 -5.20
C ALA B 38 17.38 0.69 -6.09
N ILE B 39 17.32 0.39 -7.40
CA ILE B 39 18.07 1.09 -8.41
C ILE B 39 17.11 1.49 -9.50
N ILE B 40 17.18 2.74 -9.94
CA ILE B 40 16.39 3.17 -11.10
C ILE B 40 17.30 3.74 -12.17
N THR B 41 16.84 3.66 -13.43
CA THR B 41 17.53 4.31 -14.53
C THR B 41 16.56 5.06 -15.36
N PHE B 42 17.12 5.97 -16.14
CA PHE B 42 16.38 6.75 -17.11
C PHE B 42 16.97 6.47 -18.50
N LYS B 43 16.22 6.82 -19.52
CA LYS B 43 16.62 6.45 -20.88
C LYS B 43 17.91 7.17 -21.33
N ASN B 44 18.24 8.29 -20.67
CA ASN B 44 19.51 9.00 -20.89
C ASN B 44 20.75 8.31 -20.28
N GLY B 45 20.53 7.15 -19.66
CA GLY B 45 21.62 6.38 -19.06
C GLY B 45 21.87 6.64 -17.59
N ALA B 46 21.20 7.64 -17.03
CA ALA B 46 21.40 8.00 -15.64
C ALA B 46 20.88 6.89 -14.72
N THR B 47 21.66 6.60 -13.68
CA THR B 47 21.35 5.57 -12.71
C THR B 47 21.43 6.14 -11.31
N PHE B 48 20.46 5.77 -10.46
CA PHE B 48 20.34 6.27 -9.10
C PHE B 48 19.97 5.12 -8.21
N GLN B 49 20.37 5.20 -6.94
CA GLN B 49 19.99 4.21 -5.95
C GLN B 49 19.20 4.82 -4.81
N VAL B 50 18.41 3.98 -4.15
CA VAL B 50 18.03 4.25 -2.78
C VAL B 50 18.93 3.35 -1.94
N GLU B 51 19.81 3.96 -1.15
CA GLU B 51 20.79 3.24 -0.36
C GLU B 51 20.17 2.25 0.60
N VAL B 52 20.94 1.21 0.88
CA VAL B 52 20.65 0.29 1.95
C VAL B 52 20.65 1.10 3.24
N PRO B 53 19.66 0.88 4.11
CA PRO B 53 19.65 1.58 5.41
C PRO B 53 20.93 1.26 6.18
N GLY B 54 21.58 2.29 6.71
CA GLY B 54 22.85 2.11 7.40
C GLY B 54 23.11 3.12 8.51
N SER B 55 24.32 3.06 9.07
CA SER B 55 24.75 3.96 10.16
C SER B 55 24.64 5.43 9.86
N GLN B 56 24.73 5.77 8.58
CA GLN B 56 24.67 7.16 8.14
C GLN B 56 23.26 7.76 8.27
N HIS B 57 22.25 6.91 8.43
CA HIS B 57 20.86 7.32 8.52
C HIS B 57 20.45 7.47 9.97
N ILE B 58 19.69 8.53 10.25
CA ILE B 58 19.13 8.69 11.57
C ILE B 58 17.79 8.01 11.65
N ASP B 59 17.29 7.81 12.86
CA ASP B 59 16.11 6.96 13.00
C ASP B 59 14.94 7.44 12.16
N SER B 60 14.77 8.76 12.06
CA SER B 60 13.61 9.31 11.37
C SER B 60 13.67 9.09 9.85
N GLN B 61 14.86 8.77 9.33
CA GLN B 61 14.97 8.51 7.89
C GLN B 61 14.48 7.10 7.51
N LYS B 62 14.39 6.19 8.46
CA LYS B 62 14.08 4.79 8.13
C LYS B 62 12.75 4.58 7.43
N LYS B 63 11.69 5.20 7.94
CA LYS B 63 10.37 5.10 7.35
C LYS B 63 10.39 5.80 6.01
N ALA B 64 11.14 6.88 5.91
CA ALA B 64 11.16 7.66 4.68
C ALA B 64 11.91 6.95 3.54
N ILE B 65 12.95 6.19 3.89
CA ILE B 65 13.63 5.31 2.92
C ILE B 65 12.63 4.28 2.36
N GLU B 66 11.87 3.62 3.22
CA GLU B 66 10.86 2.68 2.75
C GLU B 66 9.81 3.36 1.87
N ARG B 67 9.39 4.54 2.24
CA ARG B 67 8.42 5.29 1.46
C ARG B 67 8.98 5.61 0.06
N MET B 68 10.24 6.01 0.00
CA MET B 68 10.86 6.36 -1.26
C MET B 68 10.85 5.18 -2.22
N LYS B 69 11.18 3.98 -1.72
CA LYS B 69 11.14 2.82 -2.61
C LYS B 69 9.70 2.56 -3.09
N ASP B 70 8.73 2.72 -2.21
CA ASP B 70 7.31 2.60 -2.61
C ASP B 70 7.00 3.62 -3.74
N THR B 71 7.48 4.84 -3.55
CA THR B 71 7.25 5.94 -4.50
C THR B 71 7.86 5.63 -5.87
N LEU B 72 9.08 5.14 -5.89
CA LEU B 72 9.75 4.89 -7.15
C LEU B 72 9.07 3.73 -7.91
N ARG B 73 8.66 2.71 -7.17
CA ARG B 73 7.96 1.59 -7.77
C ARG B 73 6.67 2.03 -8.45
N ILE B 74 5.85 2.79 -7.71
CA ILE B 74 4.58 3.22 -8.30
C ILE B 74 4.77 4.25 -9.42
N ALA B 75 5.75 5.13 -9.26
CA ALA B 75 6.09 6.05 -10.31
C ALA B 75 6.46 5.26 -11.57
N TYR B 76 7.30 4.24 -11.42
CA TYR B 76 7.71 3.45 -12.56
C TYR B 76 6.49 2.83 -13.24
N LEU B 77 5.65 2.17 -12.43
CA LEU B 77 4.53 1.43 -13.00
C LEU B 77 3.44 2.29 -13.63
N THR B 78 3.30 3.54 -13.17
CA THR B 78 2.33 4.46 -13.73
C THR B 78 2.92 5.34 -14.83
N GLU B 79 4.23 5.24 -15.07
CA GLU B 79 4.90 6.01 -16.08
C GLU B 79 4.85 7.51 -15.77
N ALA B 80 4.88 7.83 -14.48
CA ALA B 80 4.87 9.21 -14.03
C ALA B 80 6.17 9.91 -14.34
N LYS B 81 6.07 11.14 -14.83
CA LYS B 81 7.26 11.93 -15.13
C LYS B 81 7.91 12.37 -13.82
N VAL B 82 9.20 12.09 -13.73
CA VAL B 82 10.04 12.58 -12.68
C VAL B 82 10.60 13.93 -13.12
N GLU B 83 10.35 14.97 -12.34
CA GLU B 83 10.91 16.28 -12.66
C GLU B 83 12.39 16.33 -12.28
N LYS B 84 12.64 16.28 -10.97
CA LYS B 84 13.98 16.36 -10.41
C LYS B 84 14.22 15.31 -9.35
N LEU B 85 15.50 14.96 -9.22
CA LEU B 85 16.03 14.20 -8.09
C LEU B 85 17.08 15.05 -7.36
N CYS B 86 16.96 15.11 -6.03
CA CYS B 86 18.05 15.58 -5.20
C CYS B 86 18.80 14.35 -4.77
N VAL B 87 20.10 14.34 -4.99
CA VAL B 87 20.92 13.16 -4.69
C VAL B 87 22.17 13.54 -3.94
N TRP B 88 22.68 12.60 -3.16
CA TRP B 88 24.03 12.69 -2.63
C TRP B 88 24.97 12.17 -3.69
N ASN B 89 25.97 12.99 -4.00
CA ASN B 89 26.92 12.69 -5.07
C ASN B 89 28.24 12.14 -4.57
N ASN B 90 28.31 11.77 -3.29
CA ASN B 90 29.46 11.06 -2.73
C ASN B 90 29.21 9.53 -2.64
N LYS B 91 28.29 9.05 -3.46
CA LYS B 91 27.96 7.64 -3.57
C LYS B 91 27.81 7.32 -5.05
N THR B 92 28.05 6.07 -5.40
CA THR B 92 27.87 5.59 -6.78
C THR B 92 27.03 4.32 -6.74
N PRO B 93 25.90 4.26 -7.43
CA PRO B 93 25.25 5.39 -8.10
C PRO B 93 24.88 6.48 -7.10
N HIS B 94 24.67 7.68 -7.60
CA HIS B 94 24.20 8.77 -6.76
C HIS B 94 22.95 8.32 -5.99
N ALA B 95 22.87 8.75 -4.73
CA ALA B 95 21.88 8.25 -3.81
C ALA B 95 20.74 9.23 -3.62
N ILE B 96 19.50 8.75 -3.83
CA ILE B 96 18.35 9.63 -3.80
C ILE B 96 18.07 10.15 -2.39
N ALA B 97 17.94 11.49 -2.28
CA ALA B 97 17.50 12.14 -1.06
C ALA B 97 16.08 12.65 -1.19
N ALA B 98 15.69 13.06 -2.39
CA ALA B 98 14.35 13.61 -2.59
C ALA B 98 13.96 13.49 -4.06
N ILE B 99 12.67 13.48 -4.30
CA ILE B 99 12.11 13.37 -5.64
C ILE B 99 11.01 14.39 -5.82
N SER B 100 10.94 15.01 -7.01
CA SER B 100 9.76 15.78 -7.40
C SER B 100 9.16 15.22 -8.67
N MET B 101 7.83 15.18 -8.70
CA MET B 101 7.09 14.75 -9.86
C MET B 101 6.17 15.89 -10.29
N ALA B 102 6.23 16.19 -11.58
CA ALA B 102 5.39 17.20 -12.20
C ALA B 102 5.29 16.88 -13.67
N ASN B 103 4.19 17.32 -14.30
CA ASN B 103 3.94 17.35 -15.76
C ASN B 103 3.69 16.01 -16.44
N THR C 1 -16.45 14.66 16.27
N THR C 1 -18.55 15.65 16.98
CA THR C 1 -17.60 14.17 15.46
CA THR C 1 -17.66 14.99 15.97
C THR C 1 -17.95 15.10 14.30
C THR C 1 -17.99 15.40 14.53
N PRO C 2 -16.98 15.83 13.78
CA PRO C 2 -17.26 16.68 12.63
C PRO C 2 -17.82 15.91 11.43
N GLN C 3 -18.67 16.58 10.65
CA GLN C 3 -19.31 15.92 9.53
C GLN C 3 -18.60 16.25 8.24
N ASN C 4 -17.69 17.23 8.29
CA ASN C 4 -16.98 17.69 7.11
C ASN C 4 -15.70 18.38 7.52
N ILE C 5 -14.85 18.62 6.54
CA ILE C 5 -13.54 19.20 6.77
C ILE C 5 -13.56 20.62 7.32
N THR C 6 -14.58 21.38 6.94
CA THR C 6 -14.67 22.75 7.40
C THR C 6 -14.95 22.82 8.91
N ASP C 7 -15.89 22.00 9.38
CA ASP C 7 -16.20 21.96 10.80
C ASP C 7 -15.03 21.36 11.59
N LEU C 8 -14.36 20.35 11.02
CA LEU C 8 -13.19 19.78 11.67
C LEU C 8 -12.12 20.85 11.83
N CYS C 9 -11.88 21.59 10.76
CA CYS C 9 -10.84 22.60 10.78
C CYS C 9 -11.10 23.67 11.85
N ALA C 10 -12.37 24.04 12.04
CA ALA C 10 -12.76 25.06 13.03
C ALA C 10 -12.55 24.64 14.48
N GLU C 11 -12.31 23.36 14.74
CA GLU C 11 -12.07 22.91 16.10
C GLU C 11 -10.67 23.26 16.60
N TYR C 12 -9.80 23.72 15.69
CA TYR C 12 -8.40 23.97 16.00
C TYR C 12 -8.05 25.44 15.86
N HIS C 13 -7.12 25.89 16.68
CA HIS C 13 -6.53 27.20 16.54
C HIS C 13 -5.50 27.23 15.41
N ASN C 14 -5.33 28.41 14.82
CA ASN C 14 -4.31 28.66 13.80
C ASN C 14 -4.50 27.85 12.55
N THR C 15 -5.76 27.61 12.17
CA THR C 15 -6.04 26.89 10.92
C THR C 15 -6.91 27.71 9.97
N GLN C 16 -6.93 27.27 8.72
CA GLN C 16 -7.85 27.81 7.74
C GLN C 16 -8.13 26.77 6.66
N ILE C 17 -9.25 26.93 5.97
CA ILE C 17 -9.57 26.14 4.79
C ILE C 17 -9.08 26.87 3.55
N HIS C 18 -8.42 26.13 2.66
CA HIS C 18 -8.12 26.57 1.30
C HIS C 18 -9.01 25.73 0.40
N THR C 19 -9.74 26.38 -0.50
CA THR C 19 -10.57 25.67 -1.47
C THR C 19 -9.86 25.68 -2.81
N LEU C 20 -9.47 24.49 -3.28
CA LEU C 20 -8.69 24.34 -4.52
C LEU C 20 -9.54 23.86 -5.69
N ASN C 21 -10.38 22.85 -5.46
CA ASN C 21 -11.12 22.21 -6.53
C ASN C 21 -10.24 21.94 -7.78
N ASP C 22 -9.08 21.33 -7.56
CA ASP C 22 -8.12 21.10 -8.62
C ASP C 22 -7.24 19.93 -8.24
N LYS C 23 -6.64 19.30 -9.24
CA LYS C 23 -5.69 18.24 -9.02
C LYS C 23 -4.38 18.86 -8.57
N ILE C 24 -3.55 18.02 -7.98
CA ILE C 24 -2.22 18.42 -7.55
C ILE C 24 -1.30 18.59 -8.77
N PHE C 25 -0.64 19.75 -8.82
CA PHE C 25 0.32 20.06 -9.90
C PHE C 25 1.69 19.40 -9.75
N SER C 26 2.22 19.35 -8.53
CA SER C 26 3.49 18.66 -8.28
C SER C 26 3.49 18.02 -6.89
N TYR C 27 4.23 16.93 -6.81
CA TYR C 27 4.40 16.14 -5.58
C TYR C 27 5.89 15.93 -5.33
N THR C 28 6.35 16.34 -4.17
CA THR C 28 7.75 16.21 -3.80
C THR C 28 7.83 15.49 -2.43
N GLU C 29 8.75 14.55 -2.31
CA GLU C 29 8.99 13.96 -1.00
C GLU C 29 10.48 13.76 -0.79
N SER C 30 10.86 13.79 0.47
CA SER C 30 12.25 13.77 0.87
C SER C 30 12.49 12.75 1.98
N LEU C 31 13.63 12.06 1.91
CA LEU C 31 14.09 11.23 3.02
C LEU C 31 15.31 11.82 3.71
N ALA C 32 15.70 13.04 3.36
CA ALA C 32 16.88 13.67 3.95
C ALA C 32 16.61 13.92 5.42
N GLY C 33 17.66 13.79 6.24
CA GLY C 33 17.52 13.86 7.68
C GLY C 33 17.00 15.21 8.13
N LYS C 34 15.97 15.16 8.97
CA LYS C 34 15.30 16.33 9.51
C LYS C 34 14.46 17.07 8.47
N ARG C 35 14.33 16.50 7.26
CA ARG C 35 13.44 17.01 6.23
C ARG C 35 12.65 15.86 5.63
N GLU C 36 12.17 14.96 6.50
CA GLU C 36 11.37 13.83 6.06
C GLU C 36 9.91 14.31 5.91
N MET C 37 9.61 14.84 4.73
CA MET C 37 8.42 15.64 4.52
C MET C 37 7.92 15.48 3.09
N ALA C 38 6.72 15.97 2.84
CA ALA C 38 6.21 16.06 1.48
C ALA C 38 5.81 17.48 1.25
N ILE C 39 5.88 17.89 -0.01
CA ILE C 39 5.45 19.20 -0.45
C ILE C 39 4.59 19.00 -1.68
N ILE C 40 3.41 19.62 -1.73
CA ILE C 40 2.60 19.66 -2.93
C ILE C 40 2.36 21.09 -3.38
N THR C 41 2.12 21.25 -4.68
CA THR C 41 1.70 22.54 -5.24
C THR C 41 0.50 22.38 -6.14
N PHE C 42 -0.17 23.50 -6.35
CA PHE C 42 -1.29 23.58 -7.28
C PHE C 42 -0.91 24.60 -8.36
N LYS C 43 -1.61 24.52 -9.49
CA LYS C 43 -1.31 25.35 -10.67
C LYS C 43 -1.42 26.83 -10.35
N ASN C 44 -2.23 27.18 -9.35
CA ASN C 44 -2.40 28.59 -8.98
C ASN C 44 -1.25 29.15 -8.12
N GLY C 45 -0.23 28.31 -7.87
CA GLY C 45 0.96 28.74 -7.14
C GLY C 45 1.00 28.29 -5.69
N ALA C 46 -0.14 27.87 -5.16
CA ALA C 46 -0.23 27.49 -3.77
C ALA C 46 0.61 26.26 -3.48
N THR C 47 1.34 26.32 -2.36
CA THR C 47 2.27 25.30 -1.90
C THR C 47 1.93 24.92 -0.47
N PHE C 48 1.91 23.62 -0.19
CA PHE C 48 1.61 23.08 1.13
C PHE C 48 2.60 21.98 1.51
N GLN C 49 2.81 21.80 2.81
CA GLN C 49 3.67 20.75 3.32
C GLN C 49 2.91 19.78 4.20
N VAL C 50 3.40 18.55 4.23
CA VAL C 50 3.15 17.68 5.37
C VAL C 50 4.39 17.78 6.21
N GLU C 51 4.21 18.26 7.43
CA GLU C 51 5.35 18.56 8.29
C GLU C 51 6.09 17.31 8.69
N VAL C 52 7.39 17.49 8.91
CA VAL C 52 8.23 16.48 9.54
C VAL C 52 7.65 16.14 10.93
N PRO C 53 7.51 14.87 11.27
CA PRO C 53 6.99 14.53 12.61
C PRO C 53 7.90 15.14 13.69
N GLY C 54 7.29 15.78 14.67
CA GLY C 54 8.05 16.40 15.74
C GLY C 54 7.32 16.40 17.06
N SER C 55 7.87 17.15 18.00
CA SER C 55 7.33 17.22 19.36
C SER C 55 5.97 17.90 19.43
N GLN C 56 5.59 18.66 18.39
CA GLN C 56 4.27 19.29 18.31
C GLN C 56 3.16 18.29 18.06
N HIS C 57 3.55 17.10 17.62
CA HIS C 57 2.60 16.04 17.32
C HIS C 57 2.45 15.07 18.48
N ILE C 58 1.22 14.63 18.70
CA ILE C 58 0.97 13.60 19.67
C ILE C 58 1.13 12.25 18.95
N ASP C 59 1.29 11.18 19.74
CA ASP C 59 1.66 9.92 19.13
C ASP C 59 0.62 9.39 18.12
N SER C 60 -0.66 9.58 18.43
CA SER C 60 -1.71 9.14 17.51
C SER C 60 -1.62 9.81 16.13
N GLN C 61 -0.98 10.98 16.04
CA GLN C 61 -0.84 11.64 14.74
C GLN C 61 0.22 11.02 13.87
N LYS C 62 1.18 10.30 14.45
CA LYS C 62 2.26 9.72 13.64
C LYS C 62 1.78 8.84 12.48
N LYS C 63 0.88 7.90 12.76
CA LYS C 63 0.37 7.03 11.71
C LYS C 63 -0.43 7.84 10.69
N ALA C 64 -1.13 8.85 11.18
CA ALA C 64 -1.91 9.71 10.33
C ALA C 64 -1.07 10.58 9.40
N ILE C 65 0.08 11.03 9.86
CA ILE C 65 1.02 11.76 9.01
C ILE C 65 1.51 10.85 7.86
N GLU C 66 1.86 9.61 8.20
CA GLU C 66 2.28 8.66 7.17
C GLU C 66 1.15 8.41 6.20
N ARG C 67 -0.05 8.26 6.69
CA ARG C 67 -1.20 8.04 5.81
C ARG C 67 -1.43 9.23 4.89
N MET C 68 -1.28 10.44 5.41
CA MET C 68 -1.48 11.63 4.60
C MET C 68 -0.52 11.68 3.40
N LYS C 69 0.76 11.38 3.64
CA LYS C 69 1.71 11.37 2.55
C LYS C 69 1.33 10.30 1.52
N ASP C 70 0.82 9.16 1.99
CA ASP C 70 0.34 8.12 1.06
C ASP C 70 -0.79 8.67 0.21
N THR C 71 -1.71 9.36 0.86
CA THR C 71 -2.88 9.89 0.21
C THR C 71 -2.50 10.93 -0.84
N LEU C 72 -1.58 11.81 -0.50
CA LEU C 72 -1.18 12.85 -1.44
C LEU C 72 -0.50 12.25 -2.69
N ARG C 73 0.37 11.27 -2.49
CA ARG C 73 1.05 10.61 -3.58
C ARG C 73 0.04 9.99 -4.55
N ILE C 74 -0.89 9.19 -4.03
CA ILE C 74 -1.85 8.54 -4.92
C ILE C 74 -2.86 9.53 -5.54
N ALA C 75 -3.24 10.58 -4.79
CA ALA C 75 -4.06 11.64 -5.38
C ALA C 75 -3.32 12.27 -6.56
N TYR C 76 -2.04 12.58 -6.36
CA TYR C 76 -1.27 13.17 -7.43
C TYR C 76 -1.24 12.25 -8.66
N LEU C 77 -0.91 10.99 -8.44
CA LEU C 77 -0.71 10.05 -9.54
C LEU C 77 -1.99 9.73 -10.30
N THR C 78 -3.14 9.80 -9.61
CA THR C 78 -4.43 9.54 -10.25
C THR C 78 -5.10 10.82 -10.77
N GLU C 79 -4.48 11.96 -10.53
CA GLU C 79 -5.02 13.28 -10.91
C GLU C 79 -6.37 13.54 -10.24
N ALA C 80 -6.54 13.05 -9.02
CA ALA C 80 -7.75 13.29 -8.27
C ALA C 80 -7.90 14.74 -7.85
N LYS C 81 -9.11 15.27 -8.03
CA LYS C 81 -9.40 16.63 -7.65
C LYS C 81 -9.41 16.75 -6.14
N VAL C 82 -8.60 17.67 -5.65
CA VAL C 82 -8.64 18.03 -4.24
C VAL C 82 -9.69 19.13 -4.07
N GLU C 83 -10.65 18.91 -3.20
CA GLU C 83 -11.65 19.91 -2.93
C GLU C 83 -11.08 20.97 -1.99
N LYS C 84 -10.81 20.58 -0.75
CA LYS C 84 -10.32 21.49 0.28
C LYS C 84 -9.12 20.89 1.01
N LEU C 85 -8.28 21.80 1.52
CA LEU C 85 -7.29 21.46 2.54
C LEU C 85 -7.57 22.29 3.78
N CYS C 86 -7.51 21.62 4.93
CA CYS C 86 -7.43 22.31 6.23
C CYS C 86 -5.95 22.33 6.55
N VAL C 87 -5.46 23.50 6.89
CA VAL C 87 -4.05 23.70 7.16
C VAL C 87 -3.85 24.55 8.39
N TRP C 88 -2.71 24.35 9.03
CA TRP C 88 -2.24 25.31 10.01
C TRP C 88 -1.56 26.42 9.21
N ASN C 89 -2.05 27.65 9.37
CA ASN C 89 -1.44 28.77 8.69
C ASN C 89 -0.48 29.58 9.59
N ASN C 90 0.04 28.90 10.62
CA ASN C 90 1.14 29.39 11.45
C ASN C 90 2.48 28.72 11.12
N LYS C 91 2.55 28.15 9.91
CA LYS C 91 3.76 27.54 9.36
C LYS C 91 3.83 27.94 7.90
N THR C 92 5.04 27.92 7.35
CA THR C 92 5.30 28.22 5.95
C THR C 92 6.20 27.11 5.37
N PRO C 93 5.78 26.44 4.31
CA PRO C 93 4.43 26.51 3.71
C PRO C 93 3.35 26.11 4.71
N HIS C 94 2.11 26.51 4.48
CA HIS C 94 1.00 26.09 5.32
C HIS C 94 1.05 24.56 5.45
N ALA C 95 0.80 24.04 6.66
CA ALA C 95 0.94 22.63 6.99
C ALA C 95 -0.41 21.91 6.97
N ILE C 96 -0.48 20.82 6.21
CA ILE C 96 -1.73 20.09 6.04
C ILE C 96 -2.17 19.38 7.31
N ALA C 97 -3.42 19.67 7.71
CA ALA C 97 -4.10 18.98 8.81
C ALA C 97 -5.15 18.00 8.31
N ALA C 98 -5.79 18.30 7.17
CA ALA C 98 -6.82 17.42 6.59
C ALA C 98 -7.00 17.73 5.12
N ILE C 99 -7.57 16.78 4.41
CA ILE C 99 -7.81 16.91 2.97
C ILE C 99 -9.18 16.36 2.68
N SER C 100 -9.89 17.02 1.76
CA SER C 100 -11.11 16.45 1.21
C SER C 100 -10.99 16.36 -0.30
N MET C 101 -11.50 15.27 -0.84
CA MET C 101 -11.52 15.04 -2.27
C MET C 101 -12.96 14.82 -2.66
N ALA C 102 -13.36 15.48 -3.74
CA ALA C 102 -14.70 15.33 -4.27
C ALA C 102 -14.59 15.69 -5.73
N ASN C 103 -15.39 15.01 -6.56
CA ASN C 103 -15.24 14.96 -8.04
C ASN C 103 -15.32 16.32 -8.71
N THR D 1 -20.21 -17.97 12.27
CA THR D 1 -19.38 -17.11 11.29
C THR D 1 -20.01 -16.53 10.01
N PRO D 2 -20.17 -15.22 9.97
CA PRO D 2 -21.14 -14.67 9.04
C PRO D 2 -20.77 -14.84 7.56
N GLN D 3 -21.80 -15.05 6.76
CA GLN D 3 -21.64 -15.26 5.34
C GLN D 3 -21.66 -13.94 4.58
N ASN D 4 -22.16 -12.90 5.23
CA ASN D 4 -22.35 -11.62 4.56
C ASN D 4 -22.44 -10.50 5.59
N ILE D 5 -22.43 -9.27 5.10
CA ILE D 5 -22.37 -8.11 5.95
C ILE D 5 -23.63 -7.91 6.75
N THR D 6 -24.78 -8.31 6.20
CA THR D 6 -26.03 -8.18 6.93
C THR D 6 -26.07 -9.07 8.18
N ASP D 7 -25.68 -10.33 8.02
CA ASP D 7 -25.57 -11.25 9.15
C ASP D 7 -24.52 -10.82 10.18
N LEU D 8 -23.40 -10.32 9.69
CA LEU D 8 -22.36 -9.81 10.57
C LEU D 8 -22.90 -8.66 11.42
N CYS D 9 -23.54 -7.70 10.78
CA CYS D 9 -24.06 -6.52 11.46
C CYS D 9 -25.04 -6.87 12.57
N ALA D 10 -25.83 -7.91 12.33
CA ALA D 10 -26.87 -8.32 13.25
C ALA D 10 -26.30 -8.97 14.51
N GLU D 11 -25.00 -9.21 14.53
CA GLU D 11 -24.37 -9.78 15.72
C GLU D 11 -24.09 -8.73 16.81
N TYR D 12 -24.26 -7.45 16.46
CA TYR D 12 -23.84 -6.35 17.33
C TYR D 12 -25.03 -5.48 17.72
N HIS D 13 -24.97 -4.92 18.92
CA HIS D 13 -25.89 -3.91 19.34
C HIS D 13 -25.52 -2.55 18.71
N ASN D 14 -26.53 -1.67 18.64
CA ASN D 14 -26.38 -0.31 18.14
C ASN D 14 -25.89 -0.28 16.70
N THR D 15 -26.28 -1.26 15.87
CA THR D 15 -25.93 -1.23 14.46
C THR D 15 -27.12 -1.21 13.53
N GLN D 16 -26.83 -0.78 12.30
CA GLN D 16 -27.75 -0.85 11.20
C GLN D 16 -27.00 -0.95 9.87
N ILE D 17 -27.69 -1.50 8.88
CA ILE D 17 -27.21 -1.56 7.52
C ILE D 17 -27.77 -0.37 6.71
N HIS D 18 -26.87 0.32 6.01
CA HIS D 18 -27.22 1.31 4.99
C HIS D 18 -26.91 0.68 3.61
N THR D 19 -27.89 0.68 2.72
CA THR D 19 -27.70 0.13 1.39
C THR D 19 -27.54 1.28 0.44
N LEU D 20 -26.33 1.45 -0.07
CA LEU D 20 -26.01 2.61 -0.92
C LEU D 20 -26.05 2.34 -2.43
N ASN D 21 -25.51 1.19 -2.81
CA ASN D 21 -25.26 0.84 -4.19
C ASN D 21 -24.78 2.02 -5.03
N ASP D 22 -23.69 2.63 -4.58
CA ASP D 22 -23.22 3.87 -5.22
C ASP D 22 -21.79 4.08 -4.84
N LYS D 23 -21.08 4.78 -5.70
CA LYS D 23 -19.71 5.18 -5.39
C LYS D 23 -19.69 6.24 -4.26
N ILE D 24 -18.55 6.37 -3.58
CA ILE D 24 -18.32 7.41 -2.64
C ILE D 24 -18.25 8.75 -3.34
N PHE D 25 -19.03 9.72 -2.87
CA PHE D 25 -18.99 11.09 -3.37
C PHE D 25 -17.83 11.96 -2.90
N SER D 26 -17.47 11.83 -1.63
CA SER D 26 -16.34 12.57 -1.09
C SER D 26 -15.61 11.74 -0.05
N TYR D 27 -14.31 11.97 0.01
CA TYR D 27 -13.41 11.30 0.96
C TYR D 27 -12.61 12.39 1.63
N THR D 28 -12.68 12.40 2.95
CA THR D 28 -11.94 13.31 3.80
C THR D 28 -11.11 12.53 4.81
N GLU D 29 -9.88 12.98 5.06
CA GLU D 29 -9.08 12.38 6.10
C GLU D 29 -8.27 13.47 6.77
N SER D 30 -8.05 13.26 8.06
CA SER D 30 -7.44 14.20 8.96
C SER D 30 -6.31 13.56 9.75
N LEU D 31 -5.22 14.30 9.95
CA LEU D 31 -4.13 13.94 10.87
C LEU D 31 -4.10 14.85 12.12
N ALA D 32 -5.11 15.69 12.29
CA ALA D 32 -5.18 16.61 13.42
C ALA D 32 -5.35 15.82 14.70
N GLY D 33 -4.77 16.32 15.79
CA GLY D 33 -4.72 15.56 17.04
C GLY D 33 -6.11 15.33 17.60
N LYS D 34 -6.37 14.07 17.96
CA LYS D 34 -7.67 13.60 18.45
C LYS D 34 -8.76 13.57 17.41
N ARG D 35 -8.41 13.86 16.17
CA ARG D 35 -9.33 13.75 15.05
C ARG D 35 -8.65 13.01 13.88
N GLU D 36 -7.90 11.95 14.22
CA GLU D 36 -7.22 11.15 13.23
C GLU D 36 -8.25 10.14 12.71
N MET D 37 -8.92 10.55 11.66
CA MET D 37 -10.14 9.90 11.25
C MET D 37 -10.38 10.10 9.75
N ALA D 38 -11.34 9.35 9.21
CA ALA D 38 -11.77 9.56 7.84
C ALA D 38 -13.26 9.78 7.87
N ILE D 39 -13.74 10.59 6.94
CA ILE D 39 -15.16 10.83 6.74
C ILE D 39 -15.50 10.65 5.27
N ILE D 40 -16.55 9.89 4.96
CA ILE D 40 -17.00 9.77 3.57
C ILE D 40 -18.44 10.22 3.47
N THR D 41 -18.82 10.73 2.28
CA THR D 41 -20.23 10.98 2.01
C THR D 41 -20.61 10.37 0.71
N PHE D 42 -21.92 10.20 0.56
CA PHE D 42 -22.52 9.77 -0.70
C PHE D 42 -23.36 10.90 -1.28
N LYS D 43 -23.71 10.76 -2.55
CA LYS D 43 -24.46 11.80 -3.24
C LYS D 43 -25.81 12.14 -2.58
N ASN D 44 -26.41 11.14 -1.93
CA ASN D 44 -27.63 11.37 -1.15
C ASN D 44 -27.42 12.12 0.19
N GLY D 45 -26.19 12.50 0.50
CA GLY D 45 -25.90 13.24 1.72
C GLY D 45 -25.47 12.37 2.91
N ALA D 46 -25.68 11.07 2.81
CA ALA D 46 -25.33 10.18 3.92
C ALA D 46 -23.83 10.31 4.22
N THR D 47 -23.53 10.42 5.49
CA THR D 47 -22.18 10.71 5.94
C THR D 47 -21.77 9.67 6.98
N PHE D 48 -20.51 9.24 6.92
CA PHE D 48 -20.02 8.15 7.73
C PHE D 48 -18.60 8.43 8.16
N GLN D 49 -18.23 7.95 9.34
CA GLN D 49 -16.87 8.11 9.80
C GLN D 49 -16.21 6.75 10.05
N VAL D 50 -14.89 6.74 9.90
CA VAL D 50 -14.08 5.74 10.60
C VAL D 50 -13.58 6.45 11.87
N GLU D 51 -14.01 5.95 13.01
CA GLU D 51 -13.69 6.58 14.30
C GLU D 51 -12.21 6.63 14.59
N VAL D 52 -11.84 7.66 15.32
CA VAL D 52 -10.54 7.72 16.00
C VAL D 52 -10.42 6.52 16.91
N PRO D 53 -9.28 5.83 16.89
CA PRO D 53 -9.05 4.73 17.81
C PRO D 53 -9.19 5.18 19.26
N GLY D 54 -9.92 4.44 20.06
CA GLY D 54 -10.22 4.86 21.41
C GLY D 54 -10.44 3.70 22.36
N SER D 55 -10.82 4.03 23.59
CA SER D 55 -10.94 3.02 24.63
C SER D 55 -12.09 2.06 24.38
N GLN D 56 -12.98 2.40 23.45
CA GLN D 56 -14.05 1.48 23.05
C GLN D 56 -13.55 0.33 22.19
N HIS D 57 -12.33 0.46 21.68
CA HIS D 57 -11.77 -0.49 20.74
C HIS D 57 -10.88 -1.48 21.46
N ILE D 58 -10.88 -2.69 20.96
CA ILE D 58 -9.94 -3.72 21.40
C ILE D 58 -8.74 -3.76 20.48
N ASP D 59 -7.66 -4.35 20.98
CA ASP D 59 -6.40 -4.37 20.27
C ASP D 59 -6.53 -4.87 18.85
N SER D 60 -7.30 -5.93 18.66
CA SER D 60 -7.44 -6.57 17.36
C SER D 60 -8.11 -5.67 16.33
N GLN D 61 -8.83 -4.65 16.78
CA GLN D 61 -9.45 -3.70 15.88
C GLN D 61 -8.48 -2.64 15.35
N LYS D 62 -7.34 -2.43 16.00
CA LYS D 62 -6.46 -1.36 15.58
C LYS D 62 -6.03 -1.46 14.12
N LYS D 63 -5.53 -2.62 13.72
CA LYS D 63 -5.05 -2.79 12.36
C LYS D 63 -6.24 -2.70 11.41
N ALA D 64 -7.38 -3.17 11.87
CA ALA D 64 -8.57 -3.18 11.04
C ALA D 64 -9.13 -1.77 10.76
N ILE D 65 -9.00 -0.88 11.74
CA ILE D 65 -9.35 0.52 11.53
C ILE D 65 -8.44 1.10 10.43
N GLU D 66 -7.14 0.85 10.54
CA GLU D 66 -6.25 1.35 9.52
C GLU D 66 -6.57 0.80 8.14
N ARG D 67 -6.86 -0.50 8.06
CA ARG D 67 -7.22 -1.13 6.78
C ARG D 67 -8.48 -0.49 6.22
N MET D 68 -9.45 -0.19 7.07
CA MET D 68 -10.73 0.38 6.59
C MET D 68 -10.47 1.74 5.93
N LYS D 69 -9.60 2.56 6.52
CA LYS D 69 -9.30 3.85 5.91
C LYS D 69 -8.61 3.65 4.57
N ASP D 70 -7.72 2.67 4.49
CA ASP D 70 -7.08 2.33 3.22
C ASP D 70 -8.16 1.95 2.21
N THR D 71 -9.11 1.12 2.60
CA THR D 71 -10.14 0.62 1.68
C THR D 71 -11.01 1.77 1.17
N LEU D 72 -11.43 2.67 2.05
CA LEU D 72 -12.28 3.77 1.63
C LEU D 72 -11.56 4.67 0.65
N ARG D 73 -10.26 4.93 0.88
CA ARG D 73 -9.54 5.81 -0.02
C ARG D 73 -9.46 5.22 -1.42
N ILE D 74 -9.07 3.96 -1.52
CA ILE D 74 -8.92 3.36 -2.83
C ILE D 74 -10.26 3.12 -3.49
N ALA D 75 -11.29 2.82 -2.69
CA ALA D 75 -12.63 2.72 -3.24
C ALA D 75 -13.05 4.07 -3.83
N TYR D 76 -12.79 5.13 -3.09
CA TYR D 76 -13.11 6.46 -3.60
C TYR D 76 -12.40 6.72 -4.92
N LEU D 77 -11.09 6.47 -4.95
CA LEU D 77 -10.30 6.84 -6.11
C LEU D 77 -10.59 6.01 -7.35
N THR D 78 -11.05 4.77 -7.14
CA THR D 78 -11.42 3.87 -8.25
C THR D 78 -12.91 3.95 -8.63
N GLU D 79 -13.67 4.76 -7.91
CA GLU D 79 -15.09 4.89 -8.12
C GLU D 79 -15.82 3.54 -7.93
N ALA D 80 -15.32 2.71 -7.01
CA ALA D 80 -15.92 1.41 -6.73
C ALA D 80 -17.29 1.59 -6.12
N LYS D 81 -18.26 0.85 -6.63
CA LYS D 81 -19.60 0.90 -6.04
C LYS D 81 -19.54 0.27 -4.64
N VAL D 82 -20.04 1.00 -3.65
CA VAL D 82 -20.26 0.48 -2.33
C VAL D 82 -21.66 -0.09 -2.27
N GLU D 83 -21.78 -1.35 -1.87
CA GLU D 83 -23.08 -1.98 -1.77
C GLU D 83 -23.76 -1.58 -0.45
N LYS D 84 -23.17 -2.04 0.67
CA LYS D 84 -23.70 -1.77 2.01
C LYS D 84 -22.61 -1.33 2.97
N LEU D 85 -23.02 -0.56 3.98
CA LEU D 85 -22.21 -0.30 5.13
C LEU D 85 -22.97 -0.80 6.34
N CYS D 86 -22.27 -1.48 7.23
CA CYS D 86 -22.75 -1.78 8.58
C CYS D 86 -22.14 -0.71 9.45
N VAL D 87 -22.97 -0.03 10.21
CA VAL D 87 -22.51 1.09 11.03
C VAL D 87 -23.05 1.01 12.46
N TRP D 88 -22.30 1.60 13.37
CA TRP D 88 -22.79 1.90 14.69
C TRP D 88 -23.56 3.21 14.65
N ASN D 89 -24.80 3.16 15.11
CA ASN D 89 -25.70 4.30 15.02
C ASN D 89 -25.84 5.07 16.31
N ASN D 90 -24.99 4.74 17.27
CA ASN D 90 -24.88 5.52 18.51
C ASN D 90 -23.76 6.58 18.45
N LYS D 91 -23.35 6.91 17.24
CA LYS D 91 -22.35 7.92 16.98
C LYS D 91 -22.84 8.76 15.80
N THR D 92 -22.37 9.98 15.74
CA THR D 92 -22.61 10.87 14.61
C THR D 92 -21.29 11.48 14.16
N PRO D 93 -20.92 11.38 12.89
CA PRO D 93 -21.57 10.54 11.87
C PRO D 93 -21.61 9.08 12.30
N HIS D 94 -22.51 8.31 11.73
CA HIS D 94 -22.52 6.89 12.02
C HIS D 94 -21.14 6.32 11.72
N ALA D 95 -20.71 5.40 12.57
CA ALA D 95 -19.37 4.87 12.54
C ALA D 95 -19.30 3.54 11.80
N ILE D 96 -18.42 3.45 10.82
CA ILE D 96 -18.33 2.26 9.98
C ILE D 96 -17.76 1.08 10.74
N ALA D 97 -18.50 -0.02 10.72
CA ALA D 97 -18.05 -1.31 11.26
C ALA D 97 -17.64 -2.29 10.13
N ALA D 98 -18.33 -2.23 9.00
CA ALA D 98 -18.00 -3.08 7.86
C ALA D 98 -18.48 -2.44 6.59
N ILE D 99 -17.86 -2.85 5.48
CA ILE D 99 -18.25 -2.42 4.12
C ILE D 99 -18.34 -3.61 3.19
N SER D 100 -19.31 -3.58 2.27
CA SER D 100 -19.34 -4.52 1.17
C SER D 100 -19.31 -3.74 -0.13
N MET D 101 -18.58 -4.29 -1.09
CA MET D 101 -18.48 -3.75 -2.43
C MET D 101 -18.91 -4.83 -3.41
N ALA D 102 -19.82 -4.45 -4.29
CA ALA D 102 -20.26 -5.30 -5.37
C ALA D 102 -20.87 -4.43 -6.46
N ASN D 103 -20.96 -4.97 -7.67
CA ASN D 103 -21.76 -4.31 -8.71
C ASN D 103 -23.17 -4.85 -8.77
N THR E 1 9.39 -27.92 -1.19
CA THR E 1 9.00 -26.47 -1.52
C THR E 1 8.12 -26.25 -2.74
N PRO E 2 6.88 -25.89 -2.48
CA PRO E 2 5.83 -26.07 -3.49
C PRO E 2 6.04 -25.36 -4.80
N GLN E 3 5.72 -26.05 -5.89
CA GLN E 3 5.81 -25.47 -7.22
C GLN E 3 4.56 -24.71 -7.58
N ASN E 4 3.46 -25.01 -6.90
CA ASN E 4 2.17 -24.48 -7.27
C ASN E 4 1.17 -24.62 -6.11
N ILE E 5 0.01 -23.97 -6.27
CA ILE E 5 -0.98 -23.92 -5.19
C ILE E 5 -1.52 -25.31 -4.82
N THR E 6 -1.66 -26.17 -5.81
CA THR E 6 -2.20 -27.52 -5.59
C THR E 6 -1.28 -28.35 -4.72
N ASP E 7 0.01 -28.32 -5.00
CA ASP E 7 0.99 -29.04 -4.19
C ASP E 7 1.06 -28.47 -2.78
N LEU E 8 0.98 -27.14 -2.67
CA LEU E 8 1.00 -26.48 -1.39
C LEU E 8 -0.19 -26.94 -0.55
N CYS E 9 -1.36 -26.88 -1.18
CA CYS E 9 -2.62 -27.23 -0.52
C CYS E 9 -2.58 -28.66 0.03
N ALA E 10 -1.91 -29.54 -0.71
CA ALA E 10 -1.84 -30.96 -0.35
C ALA E 10 -1.04 -31.24 0.92
N GLU E 11 -0.25 -30.27 1.37
CA GLU E 11 0.62 -30.45 2.53
C GLU E 11 -0.14 -30.35 3.85
N TYR E 12 -1.40 -29.92 3.79
CA TYR E 12 -2.22 -29.62 4.96
C TYR E 12 -3.46 -30.50 4.99
N HIS E 13 -3.90 -30.83 6.20
CA HIS E 13 -5.17 -31.50 6.37
C HIS E 13 -6.30 -30.48 6.35
N ASN E 14 -7.50 -30.96 6.09
CA ASN E 14 -8.71 -30.19 6.06
C ASN E 14 -8.69 -29.16 4.95
N THR E 15 -8.02 -29.43 3.83
CA THR E 15 -8.03 -28.45 2.73
C THR E 15 -8.59 -29.01 1.45
N GLN E 16 -8.99 -28.09 0.57
CA GLN E 16 -9.37 -28.43 -0.79
C GLN E 16 -9.11 -27.26 -1.69
N ILE E 17 -8.98 -27.58 -2.98
CA ILE E 17 -8.87 -26.61 -4.03
C ILE E 17 -10.25 -26.32 -4.66
N HIS E 18 -10.54 -25.04 -4.80
CA HIS E 18 -11.66 -24.53 -5.58
C HIS E 18 -11.10 -23.86 -6.81
N THR E 19 -11.54 -24.29 -7.98
CA THR E 19 -11.11 -23.69 -9.22
C THR E 19 -12.21 -22.75 -9.69
N LEU E 20 -11.88 -21.46 -9.72
CA LEU E 20 -12.87 -20.44 -10.03
C LEU E 20 -12.73 -19.91 -11.48
N ASN E 21 -11.50 -19.63 -11.90
CA ASN E 21 -11.25 -18.94 -13.16
C ASN E 21 -12.25 -17.80 -13.40
N ASP E 22 -12.40 -16.95 -12.40
CA ASP E 22 -13.33 -15.83 -12.46
C ASP E 22 -12.89 -14.70 -11.53
N LYS E 23 -13.30 -13.46 -11.81
CA LYS E 23 -13.08 -12.36 -10.89
C LYS E 23 -13.96 -12.54 -9.67
N ILE E 24 -13.59 -11.83 -8.63
CA ILE E 24 -14.35 -11.77 -7.40
C ILE E 24 -15.57 -10.89 -7.62
N PHE E 25 -16.72 -11.40 -7.21
CA PHE E 25 -17.98 -10.70 -7.39
C PHE E 25 -18.28 -9.70 -6.28
N SER E 26 -17.91 -10.05 -5.05
CA SER E 26 -18.09 -9.08 -3.94
C SER E 26 -16.99 -9.20 -2.92
N TYR E 27 -16.66 -8.08 -2.28
CA TYR E 27 -15.59 -7.99 -1.27
C TYR E 27 -16.17 -7.27 -0.05
N THR E 28 -16.10 -7.93 1.09
CA THR E 28 -16.57 -7.40 2.35
C THR E 28 -15.45 -7.42 3.35
N GLU E 29 -15.33 -6.35 4.13
CA GLU E 29 -14.36 -6.32 5.23
C GLU E 29 -14.94 -5.62 6.44
N SER E 30 -14.58 -6.14 7.60
CA SER E 30 -15.12 -5.71 8.89
C SER E 30 -13.99 -5.34 9.85
N LEU E 31 -14.24 -4.29 10.64
CA LEU E 31 -13.38 -3.95 11.77
C LEU E 31 -14.07 -4.20 13.10
N ALA E 32 -15.26 -4.80 13.06
CA ALA E 32 -16.01 -5.06 14.30
C ALA E 32 -15.27 -6.05 15.15
N GLY E 33 -15.32 -5.82 16.47
CA GLY E 33 -14.57 -6.62 17.43
C GLY E 33 -14.88 -8.09 17.36
N LYS E 34 -13.82 -8.89 17.27
CA LYS E 34 -13.89 -10.35 17.11
C LYS E 34 -14.41 -10.80 15.73
N ARG E 35 -14.65 -9.85 14.82
CA ARG E 35 -14.97 -10.14 13.44
C ARG E 35 -14.14 -9.30 12.49
N GLU E 36 -12.85 -9.18 12.79
CA GLU E 36 -11.92 -8.43 11.95
C GLU E 36 -11.48 -9.38 10.86
N MET E 37 -12.26 -9.39 9.78
CA MET E 37 -12.17 -10.41 8.74
C MET E 37 -12.54 -9.84 7.40
N ALA E 38 -12.32 -10.61 6.36
CA ALA E 38 -12.79 -10.29 5.02
C ALA E 38 -13.57 -11.50 4.50
N ILE E 39 -14.59 -11.21 3.69
CA ILE E 39 -15.40 -12.22 3.03
C ILE E 39 -15.46 -11.88 1.54
N ILE E 40 -15.26 -12.87 0.69
CA ILE E 40 -15.44 -12.68 -0.75
C ILE E 40 -16.44 -13.67 -1.26
N THR E 41 -17.15 -13.25 -2.32
CA THR E 41 -17.97 -14.17 -3.08
C THR E 41 -17.67 -14.09 -4.56
N PHE E 42 -18.01 -15.18 -5.23
CA PHE E 42 -17.99 -15.27 -6.67
C PHE E 42 -19.43 -15.27 -7.21
N LYS E 43 -19.57 -15.05 -8.51
CA LYS E 43 -20.92 -14.77 -9.04
C LYS E 43 -21.90 -15.92 -8.87
N ASN E 44 -21.37 -17.16 -8.86
CA ASN E 44 -22.16 -18.36 -8.54
C ASN E 44 -22.61 -18.49 -7.08
N GLY E 45 -22.17 -17.58 -6.23
CA GLY E 45 -22.51 -17.60 -4.81
C GLY E 45 -21.47 -18.12 -3.84
N ALA E 46 -20.50 -18.90 -4.30
CA ALA E 46 -19.50 -19.46 -3.40
C ALA E 46 -18.81 -18.37 -2.62
N THR E 47 -18.72 -18.60 -1.33
CA THR E 47 -18.28 -17.63 -0.35
C THR E 47 -17.07 -18.16 0.43
N PHE E 48 -16.11 -17.26 0.64
CA PHE E 48 -14.89 -17.57 1.33
C PHE E 48 -14.54 -16.47 2.33
N GLN E 49 -13.83 -16.85 3.40
CA GLN E 49 -13.35 -15.88 4.37
C GLN E 49 -11.81 -15.89 4.50
N VAL E 50 -11.30 -14.74 4.94
CA VAL E 50 -10.01 -14.68 5.59
C VAL E 50 -10.37 -14.62 7.05
N GLU E 51 -9.98 -15.66 7.79
CA GLU E 51 -10.32 -15.74 9.22
C GLU E 51 -9.76 -14.62 10.08
N VAL E 52 -10.49 -14.29 11.13
CA VAL E 52 -9.96 -13.49 12.22
C VAL E 52 -8.70 -14.20 12.76
N PRO E 53 -7.64 -13.45 12.99
CA PRO E 53 -6.46 -14.07 13.57
C PRO E 53 -6.79 -14.63 14.95
N GLY E 54 -6.31 -15.83 15.22
CA GLY E 54 -6.61 -16.46 16.48
C GLY E 54 -5.57 -17.49 16.86
N SER E 55 -5.88 -18.24 17.89
CA SER E 55 -4.85 -19.11 18.47
C SER E 55 -4.51 -20.29 17.57
N GLN E 56 -5.28 -20.51 16.51
CA GLN E 56 -4.94 -21.57 15.53
C GLN E 56 -3.78 -21.16 14.61
N HIS E 57 -3.46 -19.88 14.66
CA HIS E 57 -2.47 -19.30 13.79
C HIS E 57 -1.14 -19.16 14.51
N ILE E 58 -0.06 -19.47 13.81
CA ILE E 58 1.26 -19.20 14.35
C ILE E 58 1.71 -17.78 14.00
N ASP E 59 2.70 -17.28 14.70
CA ASP E 59 3.00 -15.87 14.58
C ASP E 59 3.33 -15.47 13.13
N SER E 60 4.04 -16.33 12.42
CA SER E 60 4.43 -16.03 11.04
C SER E 60 3.22 -15.83 10.10
N GLN E 61 2.08 -16.42 10.43
CA GLN E 61 0.88 -16.28 9.63
C GLN E 61 0.26 -14.92 9.75
N LYS E 62 0.56 -14.19 10.82
CA LYS E 62 -0.15 -12.94 11.08
C LYS E 62 0.07 -11.91 9.96
N LYS E 63 1.34 -11.70 9.56
CA LYS E 63 1.64 -10.79 8.45
C LYS E 63 0.99 -11.31 7.15
N ALA E 64 0.98 -12.63 6.98
CA ALA E 64 0.48 -13.23 5.74
C ALA E 64 -1.06 -13.07 5.65
N ILE E 65 -1.75 -13.11 6.79
CA ILE E 65 -3.20 -12.87 6.83
C ILE E 65 -3.48 -11.43 6.40
N GLU E 66 -2.71 -10.48 6.90
CA GLU E 66 -2.89 -9.08 6.46
C GLU E 66 -2.61 -8.93 4.98
N ARG E 67 -1.52 -9.51 4.50
CA ARG E 67 -1.22 -9.50 3.05
C ARG E 67 -2.37 -10.09 2.22
N MET E 68 -2.94 -11.21 2.66
CA MET E 68 -4.02 -11.82 1.92
C MET E 68 -5.25 -10.89 1.76
N LYS E 69 -5.63 -10.20 2.83
CA LYS E 69 -6.74 -9.25 2.70
C LYS E 69 -6.37 -8.11 1.75
N ASP E 70 -5.12 -7.66 1.77
CA ASP E 70 -4.68 -6.64 0.80
C ASP E 70 -4.83 -7.19 -0.62
N THR E 71 -4.42 -8.46 -0.82
CA THR E 71 -4.46 -9.06 -2.16
C THR E 71 -5.89 -9.21 -2.64
N LEU E 72 -6.79 -9.62 -1.76
CA LEU E 72 -8.19 -9.82 -2.18
C LEU E 72 -8.82 -8.49 -2.54
N ARG E 73 -8.54 -7.44 -1.76
CA ARG E 73 -9.10 -6.14 -2.08
C ARG E 73 -8.61 -5.64 -3.46
N ILE E 74 -7.32 -5.73 -3.73
CA ILE E 74 -6.86 -5.20 -5.00
C ILE E 74 -7.24 -6.09 -6.17
N ALA E 75 -7.29 -7.41 -5.94
CA ALA E 75 -7.81 -8.30 -6.96
C ALA E 75 -9.26 -7.94 -7.33
N TYR E 76 -10.08 -7.71 -6.32
CA TYR E 76 -11.47 -7.27 -6.51
C TYR E 76 -11.54 -5.98 -7.33
N LEU E 77 -10.79 -4.97 -6.93
CA LEU E 77 -10.88 -3.65 -7.57
C LEU E 77 -10.35 -3.65 -9.01
N THR E 78 -9.41 -4.53 -9.30
CA THR E 78 -8.85 -4.63 -10.66
C THR E 78 -9.55 -5.63 -11.53
N GLU E 79 -10.51 -6.33 -10.98
CA GLU E 79 -11.25 -7.40 -11.67
C GLU E 79 -10.32 -8.52 -12.14
N ALA E 80 -9.27 -8.77 -11.37
CA ALA E 80 -8.33 -9.82 -11.67
C ALA E 80 -8.97 -11.22 -11.55
N LYS E 81 -8.73 -12.06 -12.53
CA LYS E 81 -9.26 -13.41 -12.51
C LYS E 81 -8.51 -14.24 -11.46
N VAL E 82 -9.27 -14.84 -10.55
CA VAL E 82 -8.78 -15.80 -9.59
C VAL E 82 -8.81 -17.16 -10.25
N GLU E 83 -7.67 -17.83 -10.32
CA GLU E 83 -7.61 -19.18 -10.84
C GLU E 83 -8.13 -20.18 -9.81
N LYS E 84 -7.41 -20.31 -8.70
CA LYS E 84 -7.74 -21.28 -7.65
C LYS E 84 -7.62 -20.65 -6.26
N LEU E 85 -8.38 -21.19 -5.32
CA LEU E 85 -8.19 -20.95 -3.90
C LEU E 85 -7.93 -22.31 -3.24
N CYS E 86 -6.93 -22.32 -2.37
CA CYS E 86 -6.75 -23.39 -1.41
C CYS E 86 -7.44 -22.95 -0.14
N VAL E 87 -8.36 -23.77 0.38
CA VAL E 87 -9.14 -23.37 1.55
C VAL E 87 -9.17 -24.49 2.58
N TRP E 88 -9.35 -24.10 3.83
CA TRP E 88 -9.69 -25.05 4.87
C TRP E 88 -11.20 -25.23 4.87
N ASN E 89 -11.63 -26.50 4.80
CA ASN E 89 -13.03 -26.84 4.68
C ASN E 89 -13.70 -27.22 6.00
N ASN E 90 -12.96 -27.04 7.11
CA ASN E 90 -13.51 -27.25 8.45
C ASN E 90 -14.06 -25.97 9.06
N LYS E 91 -14.19 -24.95 8.22
CA LYS E 91 -14.78 -23.69 8.62
C LYS E 91 -15.85 -23.30 7.62
N THR E 92 -16.80 -22.50 8.09
CA THR E 92 -17.80 -21.88 7.24
C THR E 92 -17.85 -20.38 7.47
N PRO E 93 -17.71 -19.55 6.45
CA PRO E 93 -17.29 -19.93 5.13
C PRO E 93 -15.95 -20.60 5.10
N HIS E 94 -15.65 -21.35 4.02
CA HIS E 94 -14.32 -21.96 3.96
C HIS E 94 -13.26 -20.87 4.06
N ALA E 95 -12.15 -21.19 4.71
CA ALA E 95 -11.15 -20.21 5.06
C ALA E 95 -9.99 -20.26 4.09
N ILE E 96 -9.61 -19.11 3.52
CA ILE E 96 -8.59 -19.08 2.51
C ILE E 96 -7.22 -19.34 3.11
N ALA E 97 -6.50 -20.30 2.52
CA ALA E 97 -5.09 -20.57 2.85
C ALA E 97 -4.14 -20.02 1.80
N ALA E 98 -4.58 -20.01 0.55
CA ALA E 98 -3.75 -19.54 -0.55
C ALA E 98 -4.62 -19.21 -1.75
N ILE E 99 -4.07 -18.35 -2.59
CA ILE E 99 -4.73 -17.92 -3.81
C ILE E 99 -3.78 -17.93 -5.00
N SER E 100 -4.28 -18.32 -6.18
CA SER E 100 -3.53 -18.19 -7.41
C SER E 100 -4.35 -17.34 -8.37
N MET E 101 -3.66 -16.43 -9.04
CA MET E 101 -4.26 -15.59 -10.07
C MET E 101 -3.57 -15.87 -11.39
N ALA E 102 -4.37 -16.08 -12.41
CA ALA E 102 -3.86 -16.28 -13.76
C ALA E 102 -4.94 -15.85 -14.73
N ASN E 103 -4.48 -15.44 -15.92
CA ASN E 103 -5.29 -14.70 -16.87
C ASN E 103 -6.13 -15.61 -17.74
#